data_1VPT
#
_entry.id   1VPT
#
_cell.length_a   85.300
_cell.length_b   67.800
_cell.length_c   80.400
_cell.angle_alpha   90.00
_cell.angle_beta   118.40
_cell.angle_gamma   90.00
#
_symmetry.space_group_name_H-M   'C 1 2 1'
#
loop_
_entity.id
_entity.type
_entity.pdbx_description
1 polymer VP39
2 non-polymer S-ADENOSYLMETHIONINE
3 water water
#
_entity_poly.entity_id   1
_entity_poly.type   'polypeptide(L)'
_entity_poly.pdbx_seq_one_letter_code
;GSPGISGGGGGILDSMDVVSLDKPFMYFEEIDNELDYEPESANEVAKKLPYQGQLKLLLGELFFLSKLQRHGILDGATVV
YIGSAPGTHIRYLRDHFYNLGVIIKWMLIDGRHHDPILNGLRDVTLVTRFVDEEYLRSIKKQLHPSKIILISDVASAAGG
NEPSTADLLSNYALQNVMISILNPVASSLKWRCPFPDQWIKDFYIPHGNKMLQPFAPSYSAEMRLLSIYTGENMRLTRVT
KSDAVNYEKKMYYLNKIVRNKVVVNFDYPNQEYDYFHMYFMLRTVYCNKTFPTTKAKVLFLQQSIFRFLNIPTTSTEKVS
HEPIQRKISSKNSMSKNRNSKRSVRSNK
;
_entity_poly.pdbx_strand_id   A
#
# COMPACT_ATOMS: atom_id res chain seq x y z
N MET A 16 7.77 30.70 -1.13
CA MET A 16 7.80 29.26 -0.82
C MET A 16 6.85 28.96 0.35
N ASP A 17 6.34 27.73 0.39
CA ASP A 17 5.37 27.28 1.40
C ASP A 17 6.02 26.53 2.56
N VAL A 18 6.85 27.21 3.34
CA VAL A 18 7.59 26.60 4.43
C VAL A 18 6.82 26.24 5.70
N VAL A 19 7.36 25.31 6.49
CA VAL A 19 6.73 24.85 7.74
C VAL A 19 7.66 23.90 8.54
N SER A 20 7.43 23.81 9.85
CA SER A 20 8.20 22.93 10.70
C SER A 20 7.23 21.93 11.28
N LEU A 21 7.54 20.63 11.14
CA LEU A 21 6.70 19.56 11.63
C LEU A 21 7.50 18.58 12.44
N ASP A 22 6.83 17.92 13.38
CA ASP A 22 7.47 16.91 14.22
C ASP A 22 7.53 15.61 13.44
N LYS A 23 6.36 15.12 13.05
CA LYS A 23 6.21 13.91 12.29
C LYS A 23 5.09 14.09 11.27
N PRO A 24 5.03 13.21 10.26
CA PRO A 24 3.97 13.32 9.25
C PRO A 24 2.75 12.52 9.69
N PHE A 25 1.63 12.67 8.94
CA PHE A 25 0.43 11.90 9.21
C PHE A 25 0.71 10.52 8.61
N MET A 26 0.68 9.48 9.44
CA MET A 26 0.92 8.11 9.01
C MET A 26 -0.38 7.38 8.69
N TYR A 27 -1.43 7.66 9.48
CA TYR A 27 -2.75 7.03 9.30
C TYR A 27 -3.85 8.05 9.11
N PHE A 28 -4.94 7.63 8.45
CA PHE A 28 -6.09 8.49 8.15
C PHE A 28 -6.66 9.15 9.41
N GLU A 29 -6.65 8.36 10.47
CA GLU A 29 -7.17 8.71 11.76
C GLU A 29 -6.45 9.89 12.42
N GLU A 30 -5.24 10.18 11.93
CA GLU A 30 -4.43 11.27 12.47
C GLU A 30 -4.76 12.62 11.84
N ILE A 31 -5.36 12.60 10.65
CA ILE A 31 -5.72 13.84 9.96
C ILE A 31 -6.70 14.61 10.86
N ASP A 32 -6.26 15.77 11.33
CA ASP A 32 -7.07 16.56 12.24
C ASP A 32 -7.65 17.84 11.64
N ASN A 33 -8.06 17.78 10.39
CA ASN A 33 -8.65 18.96 9.76
C ASN A 33 -9.27 18.56 8.45
N GLU A 34 -10.18 19.41 7.94
CA GLU A 34 -10.86 19.16 6.68
C GLU A 34 -11.14 20.38 5.84
N LEU A 35 -11.36 20.13 4.55
CA LEU A 35 -11.59 21.17 3.54
C LEU A 35 -12.67 20.74 2.55
N ASP A 36 -13.48 21.69 2.11
CA ASP A 36 -14.52 21.38 1.15
C ASP A 36 -13.84 20.96 -0.15
N TYR A 37 -14.14 19.75 -0.62
CA TYR A 37 -13.56 19.23 -1.85
C TYR A 37 -13.93 20.10 -3.06
N GLU A 38 -12.93 20.47 -3.85
CA GLU A 38 -13.15 21.28 -5.03
C GLU A 38 -12.91 20.39 -6.25
N PRO A 39 -13.99 19.95 -6.90
CA PRO A 39 -13.93 19.07 -8.09
C PRO A 39 -12.98 19.48 -9.20
N GLU A 40 -12.49 20.66 -9.23
CA GLU A 40 -11.60 21.19 -10.26
C GLU A 40 -10.16 20.71 -10.02
N SER A 41 -10.03 20.06 -8.84
CA SER A 41 -8.75 19.50 -8.45
C SER A 41 -8.41 18.30 -9.34
N ALA A 42 -9.46 17.67 -9.88
CA ALA A 42 -9.31 16.50 -10.74
C ALA A 42 -8.49 16.74 -12.00
N ASN A 43 -8.44 18.00 -12.46
CA ASN A 43 -7.70 18.33 -13.68
C ASN A 43 -6.30 18.87 -13.42
N GLU A 44 -5.92 18.71 -12.15
CA GLU A 44 -4.60 19.14 -11.70
C GLU A 44 -3.61 18.00 -11.93
N VAL A 45 -2.31 18.40 -12.19
CA VAL A 45 -1.27 17.38 -12.37
C VAL A 45 -1.31 16.33 -11.27
N ALA A 46 -1.51 15.08 -11.68
CA ALA A 46 -1.58 13.96 -10.75
C ALA A 46 -0.20 13.38 -10.34
N LYS A 47 0.77 13.38 -11.24
CA LYS A 47 2.07 12.85 -10.84
C LYS A 47 3.26 13.67 -11.36
N LYS A 48 4.30 13.74 -10.54
CA LYS A 48 5.49 14.51 -10.85
C LYS A 48 6.77 13.70 -11.05
N LEU A 49 6.68 12.37 -10.89
CA LEU A 49 7.80 11.43 -11.01
C LEU A 49 7.56 10.28 -11.97
N PRO A 50 8.60 9.84 -12.70
CA PRO A 50 8.40 8.72 -13.61
C PRO A 50 8.28 7.49 -12.72
N TYR A 51 7.43 6.56 -13.11
CA TYR A 51 7.18 5.34 -12.34
C TYR A 51 6.72 5.66 -10.92
N GLN A 52 6.06 6.80 -10.72
CA GLN A 52 5.60 7.20 -9.38
C GLN A 52 4.66 6.17 -8.72
N GLY A 53 3.88 5.48 -9.53
CA GLY A 53 2.97 4.46 -9.03
C GLY A 53 3.69 3.26 -8.46
N GLN A 54 4.79 2.82 -9.09
CA GLN A 54 5.57 1.68 -8.59
C GLN A 54 6.25 2.06 -7.27
N LEU A 55 6.65 3.33 -7.18
CA LEU A 55 7.26 3.88 -5.97
C LEU A 55 6.24 3.88 -4.83
N LYS A 56 5.05 4.43 -5.13
CA LYS A 56 3.94 4.48 -4.16
C LYS A 56 3.70 3.09 -3.57
N LEU A 57 3.60 2.10 -4.45
CA LEU A 57 3.36 0.71 -4.03
C LEU A 57 4.53 0.09 -3.27
N LEU A 58 5.75 0.35 -3.71
CA LEU A 58 6.93 -0.20 -3.04
C LEU A 58 7.05 0.27 -1.61
N LEU A 59 6.90 1.57 -1.37
CA LEU A 59 7.00 2.12 -0.01
C LEU A 59 5.97 1.53 0.97
N GLY A 60 4.70 1.45 0.56
CA GLY A 60 3.67 0.91 1.42
C GLY A 60 3.82 -0.57 1.73
N GLU A 61 4.22 -1.36 0.74
CA GLU A 61 4.43 -2.79 0.91
C GLU A 61 5.68 -3.10 1.74
N LEU A 62 6.72 -2.27 1.61
CA LEU A 62 7.95 -2.43 2.42
C LEU A 62 7.58 -2.09 3.87
N PHE A 63 6.83 -1.01 4.04
CA PHE A 63 6.38 -0.60 5.37
C PHE A 63 5.57 -1.73 5.99
N PHE A 64 4.55 -2.21 5.27
CA PHE A 64 3.68 -3.30 5.72
C PHE A 64 4.45 -4.57 6.06
N LEU A 65 5.21 -5.09 5.10
CA LEU A 65 5.99 -6.31 5.28
C LEU A 65 7.05 -6.21 6.40
N SER A 66 7.72 -5.07 6.54
CA SER A 66 8.72 -4.85 7.59
C SER A 66 8.09 -4.93 9.00
N LYS A 67 6.81 -4.58 9.09
CA LYS A 67 6.05 -4.63 10.32
C LYS A 67 5.79 -6.08 10.69
N LEU A 68 5.36 -6.87 9.72
CA LEU A 68 5.11 -8.30 9.94
C LEU A 68 6.38 -9.00 10.39
N GLN A 69 7.51 -8.56 9.85
CA GLN A 69 8.82 -9.11 10.19
C GLN A 69 9.05 -8.88 11.70
N ARG A 70 8.75 -7.66 12.16
CA ARG A 70 8.89 -7.31 13.57
C ARG A 70 8.08 -8.23 14.49
N HIS A 71 6.87 -8.57 14.04
CA HIS A 71 5.97 -9.44 14.80
C HIS A 71 6.29 -10.90 14.58
N GLY A 72 7.33 -11.16 13.81
CA GLY A 72 7.74 -12.53 13.53
C GLY A 72 6.75 -13.35 12.72
N ILE A 73 5.94 -12.69 11.90
CA ILE A 73 4.97 -13.43 11.11
C ILE A 73 5.25 -13.50 9.61
N LEU A 74 6.41 -13.00 9.20
CA LEU A 74 6.80 -13.01 7.79
C LEU A 74 7.52 -14.30 7.34
N ASP A 75 8.58 -14.66 8.07
CA ASP A 75 9.40 -15.83 7.75
C ASP A 75 8.56 -17.11 7.62
N GLY A 76 8.73 -17.79 6.50
CA GLY A 76 8.00 -19.02 6.25
C GLY A 76 6.61 -18.84 5.65
N ALA A 77 6.23 -17.61 5.39
CA ALA A 77 4.91 -17.36 4.81
C ALA A 77 4.94 -17.37 3.29
N THR A 78 3.76 -17.50 2.71
CA THR A 78 3.59 -17.42 1.27
C THR A 78 2.85 -16.11 1.04
N VAL A 79 3.44 -15.21 0.27
CA VAL A 79 2.79 -13.93 -0.02
C VAL A 79 1.94 -14.09 -1.30
N VAL A 80 0.61 -14.05 -1.17
CA VAL A 80 -0.30 -14.12 -2.32
C VAL A 80 -0.68 -12.68 -2.70
N TYR A 81 -0.16 -12.20 -3.83
CA TYR A 81 -0.41 -10.85 -4.30
C TYR A 81 -1.32 -10.97 -5.52
N ILE A 82 -2.55 -10.48 -5.36
CA ILE A 82 -3.53 -10.51 -6.44
C ILE A 82 -3.65 -9.08 -7.01
N GLY A 83 -3.57 -8.95 -8.34
CA GLY A 83 -3.60 -7.64 -8.98
C GLY A 83 -2.17 -7.12 -8.97
N SER A 84 -1.24 -8.04 -9.19
CA SER A 84 0.22 -7.77 -9.20
C SER A 84 0.94 -7.29 -10.47
N ALA A 85 0.31 -7.42 -11.64
CA ALA A 85 0.94 -7.04 -12.92
C ALA A 85 0.88 -5.55 -13.20
N PRO A 86 1.96 -4.97 -13.76
CA PRO A 86 3.24 -5.60 -14.14
C PRO A 86 4.13 -6.04 -12.97
N GLY A 87 4.03 -5.34 -11.85
CA GLY A 87 4.77 -5.73 -10.67
C GLY A 87 6.27 -5.52 -10.64
N THR A 88 6.76 -4.61 -11.48
CA THR A 88 8.19 -4.26 -11.57
C THR A 88 8.80 -4.07 -10.17
N HIS A 89 8.15 -3.25 -9.33
CA HIS A 89 8.61 -2.95 -7.96
C HIS A 89 8.69 -4.17 -7.02
N ILE A 90 7.90 -5.21 -7.31
CA ILE A 90 7.88 -6.43 -6.49
C ILE A 90 9.24 -7.17 -6.50
N ARG A 91 10.01 -7.01 -7.59
CA ARG A 91 11.32 -7.63 -7.69
C ARG A 91 12.20 -7.05 -6.61
N TYR A 92 12.14 -5.73 -6.42
CA TYR A 92 12.92 -5.07 -5.34
C TYR A 92 12.52 -5.61 -3.96
N LEU A 93 11.21 -5.72 -3.72
CA LEU A 93 10.70 -6.25 -2.46
C LEU A 93 11.23 -7.65 -2.21
N ARG A 94 11.08 -8.52 -3.21
CA ARG A 94 11.55 -9.88 -3.13
C ARG A 94 13.06 -9.90 -2.82
N ASP A 95 13.85 -9.15 -3.58
CA ASP A 95 15.30 -9.11 -3.34
C ASP A 95 15.65 -8.70 -1.91
N HIS A 96 15.05 -7.61 -1.44
CA HIS A 96 15.28 -7.11 -0.09
C HIS A 96 15.13 -8.15 1.02
N PHE A 97 14.00 -8.85 1.07
CA PHE A 97 13.80 -9.83 2.14
C PHE A 97 14.61 -11.09 1.93
N TYR A 98 14.86 -11.42 0.66
CA TYR A 98 15.66 -12.58 0.26
C TYR A 98 17.11 -12.35 0.71
N ASN A 99 17.63 -11.14 0.51
CA ASN A 99 18.98 -10.81 0.90
C ASN A 99 19.16 -10.73 2.40
N LEU A 100 18.07 -10.47 3.11
CA LEU A 100 18.08 -10.40 4.56
C LEU A 100 18.03 -11.80 5.17
N GLY A 101 17.75 -12.80 4.36
CA GLY A 101 17.70 -14.16 4.87
C GLY A 101 16.33 -14.65 5.28
N VAL A 102 15.29 -13.86 4.98
CA VAL A 102 13.94 -14.26 5.30
C VAL A 102 13.48 -15.23 4.20
N ILE A 103 12.81 -16.30 4.60
CA ILE A 103 12.29 -17.30 3.67
C ILE A 103 10.82 -17.02 3.35
N ILE A 104 10.53 -16.65 2.09
CA ILE A 104 9.19 -16.32 1.62
C ILE A 104 8.94 -16.92 0.22
N LYS A 105 7.72 -17.35 -0.03
CA LYS A 105 7.36 -17.86 -1.34
C LYS A 105 6.40 -16.81 -1.84
N TRP A 106 6.61 -16.33 -3.06
CA TRP A 106 5.74 -15.31 -3.65
C TRP A 106 4.87 -15.96 -4.70
N MET A 107 3.58 -15.60 -4.70
CA MET A 107 2.60 -16.09 -5.67
C MET A 107 1.91 -14.86 -6.23
N LEU A 108 2.27 -14.52 -7.46
CA LEU A 108 1.76 -13.34 -8.13
C LEU A 108 0.70 -13.72 -9.16
N ILE A 109 -0.54 -13.32 -8.90
CA ILE A 109 -1.70 -13.64 -9.73
C ILE A 109 -2.37 -12.41 -10.38
N ASP A 110 -2.44 -12.40 -11.70
CA ASP A 110 -3.07 -11.30 -12.44
C ASP A 110 -3.42 -11.86 -13.83
N GLY A 111 -4.46 -11.33 -14.46
CA GLY A 111 -4.83 -11.78 -15.79
C GLY A 111 -3.86 -11.22 -16.83
N ARG A 112 -3.24 -10.09 -16.49
CA ARG A 112 -2.26 -9.43 -17.33
C ARG A 112 -0.86 -10.00 -17.02
N HIS A 113 0.10 -9.67 -17.86
CA HIS A 113 1.45 -10.21 -17.70
C HIS A 113 2.41 -9.38 -16.89
N HIS A 114 3.25 -10.09 -16.15
CA HIS A 114 4.24 -9.51 -15.27
C HIS A 114 5.52 -9.12 -15.97
N ASP A 115 6.25 -8.22 -15.34
CA ASP A 115 7.54 -7.75 -15.82
C ASP A 115 8.50 -8.97 -15.89
N PRO A 116 9.14 -9.21 -17.05
CA PRO A 116 10.06 -10.36 -17.16
C PRO A 116 11.22 -10.40 -16.12
N ILE A 117 11.50 -9.30 -15.43
CA ILE A 117 12.56 -9.31 -14.42
C ILE A 117 12.17 -10.23 -13.24
N LEU A 118 10.90 -10.64 -13.22
CA LEU A 118 10.36 -11.52 -12.19
C LEU A 118 10.51 -13.00 -12.53
N ASN A 119 10.87 -13.28 -13.78
CA ASN A 119 11.06 -14.66 -14.23
C ASN A 119 12.36 -15.25 -13.68
N GLY A 120 12.45 -16.57 -13.75
CA GLY A 120 13.65 -17.27 -13.33
C GLY A 120 14.03 -17.31 -11.85
N LEU A 121 13.07 -17.11 -10.96
CA LEU A 121 13.35 -17.13 -9.52
C LEU A 121 12.56 -18.30 -8.99
N ARG A 122 13.22 -19.26 -8.35
CA ARG A 122 12.49 -20.42 -7.88
C ARG A 122 11.45 -20.08 -6.80
N ASP A 123 11.70 -19.00 -6.07
CA ASP A 123 10.81 -18.53 -5.00
C ASP A 123 9.61 -17.70 -5.44
N VAL A 124 9.52 -17.37 -6.72
CA VAL A 124 8.35 -16.64 -7.20
C VAL A 124 7.61 -17.29 -8.36
N THR A 125 6.32 -17.52 -8.11
CA THR A 125 5.39 -18.13 -9.05
C THR A 125 4.48 -17.06 -9.65
N LEU A 126 4.52 -16.94 -10.97
CA LEU A 126 3.70 -15.99 -11.71
C LEU A 126 2.50 -16.75 -12.26
N VAL A 127 1.30 -16.23 -12.02
CA VAL A 127 0.10 -16.91 -12.48
C VAL A 127 -0.70 -15.96 -13.36
N THR A 128 -1.16 -16.44 -14.51
CA THR A 128 -1.96 -15.60 -15.41
C THR A 128 -3.43 -16.07 -15.31
N ARG A 129 -4.16 -15.44 -14.40
CA ARG A 129 -5.55 -15.77 -14.12
C ARG A 129 -6.25 -14.62 -13.40
N PHE A 130 -7.47 -14.28 -13.83
CA PHE A 130 -8.24 -13.27 -13.11
C PHE A 130 -8.93 -14.15 -12.08
N VAL A 131 -8.71 -13.89 -10.80
CA VAL A 131 -9.30 -14.72 -9.77
C VAL A 131 -10.80 -14.48 -9.54
N ASP A 132 -11.46 -15.53 -9.08
CA ASP A 132 -12.87 -15.47 -8.70
C ASP A 132 -12.94 -16.34 -7.48
N GLU A 133 -14.11 -16.34 -6.85
CA GLU A 133 -14.32 -17.12 -5.65
C GLU A 133 -13.92 -18.59 -5.79
N GLU A 134 -14.26 -19.21 -6.91
CA GLU A 134 -13.93 -20.61 -7.16
C GLU A 134 -12.43 -20.84 -7.21
N TYR A 135 -11.74 -19.95 -7.94
CA TYR A 135 -10.30 -20.04 -8.08
C TYR A 135 -9.63 -19.90 -6.72
N LEU A 136 -10.12 -18.97 -5.90
CA LEU A 136 -9.58 -18.75 -4.56
C LEU A 136 -9.62 -20.01 -3.70
N ARG A 137 -10.73 -20.74 -3.78
CA ARG A 137 -10.89 -21.98 -3.01
C ARG A 137 -9.87 -23.01 -3.52
N SER A 138 -9.67 -23.03 -4.82
CA SER A 138 -8.73 -23.95 -5.45
C SER A 138 -7.29 -23.73 -4.99
N ILE A 139 -6.83 -22.48 -4.98
CA ILE A 139 -5.45 -22.24 -4.54
C ILE A 139 -5.32 -22.36 -3.03
N LYS A 140 -6.42 -22.23 -2.31
CA LYS A 140 -6.36 -22.38 -0.86
C LYS A 140 -6.04 -23.83 -0.60
N LYS A 141 -6.74 -24.73 -1.28
CA LYS A 141 -6.49 -26.18 -1.15
C LYS A 141 -5.06 -26.45 -1.53
N GLN A 142 -4.61 -25.82 -2.63
CA GLN A 142 -3.23 -25.95 -3.10
C GLN A 142 -2.21 -25.52 -2.03
N LEU A 143 -2.30 -24.26 -1.59
CA LEU A 143 -1.37 -23.69 -0.61
C LEU A 143 -1.31 -24.42 0.73
N HIS A 144 -2.43 -25.01 1.13
CA HIS A 144 -2.50 -25.73 2.39
C HIS A 144 -1.24 -26.59 2.56
N PRO A 145 -0.61 -26.52 3.74
CA PRO A 145 -0.97 -25.73 4.92
C PRO A 145 -0.13 -24.47 5.17
N SER A 146 0.36 -23.85 4.11
CA SER A 146 1.20 -22.67 4.27
C SER A 146 0.44 -21.43 4.79
N LYS A 147 1.10 -20.63 5.66
CA LYS A 147 0.56 -19.39 6.22
C LYS A 147 0.52 -18.38 5.09
N ILE A 148 -0.61 -17.70 4.93
CA ILE A 148 -0.77 -16.74 3.83
C ILE A 148 -0.81 -15.28 4.25
N ILE A 149 -0.13 -14.45 3.48
CA ILE A 149 -0.13 -13.02 3.71
C ILE A 149 -0.70 -12.50 2.41
N LEU A 150 -1.83 -11.82 2.49
CA LEU A 150 -2.49 -11.28 1.31
C LEU A 150 -2.25 -9.81 1.03
N ILE A 151 -1.93 -9.53 -0.23
CA ILE A 151 -1.74 -8.16 -0.73
C ILE A 151 -2.67 -8.09 -1.95
N SER A 152 -3.57 -7.11 -1.94
CA SER A 152 -4.49 -6.92 -3.04
C SER A 152 -4.40 -5.54 -3.65
N ASP A 153 -4.21 -5.48 -4.97
CA ASP A 153 -4.18 -4.20 -5.70
C ASP A 153 -5.08 -4.29 -6.93
N VAL A 154 -6.15 -5.08 -6.86
CA VAL A 154 -7.06 -5.22 -8.00
C VAL A 154 -7.80 -3.92 -8.38
N ALA A 155 -7.88 -3.64 -9.66
CA ALA A 155 -8.57 -2.47 -10.22
C ALA A 155 -9.03 -2.90 -11.61
N SER A 156 -10.30 -2.35 -11.82
CA SER A 156 -11.01 -2.69 -13.05
C SER A 156 -11.04 -1.57 -14.10
N PRO A 163 -12.58 3.94 -11.41
CA PRO A 163 -13.74 3.04 -11.43
C PRO A 163 -14.99 3.81 -11.01
N SER A 164 -16.15 3.18 -11.15
CA SER A 164 -17.40 3.78 -10.75
C SER A 164 -17.65 3.31 -9.32
N THR A 165 -18.70 3.81 -8.68
CA THR A 165 -19.00 3.34 -7.33
C THR A 165 -19.34 1.85 -7.43
N ALA A 166 -20.05 1.47 -8.50
CA ALA A 166 -20.42 0.07 -8.73
C ALA A 166 -19.16 -0.78 -8.86
N ASP A 167 -18.19 -0.28 -9.62
CA ASP A 167 -16.92 -0.99 -9.79
C ASP A 167 -16.21 -1.16 -8.45
N LEU A 168 -16.11 -0.07 -7.70
CA LEU A 168 -15.45 -0.10 -6.41
C LEU A 168 -16.08 -1.13 -5.46
N LEU A 169 -17.40 -1.10 -5.34
CA LEU A 169 -18.10 -2.02 -4.46
C LEU A 169 -17.81 -3.50 -4.84
N SER A 170 -17.72 -3.76 -6.12
CA SER A 170 -17.42 -5.08 -6.65
C SER A 170 -15.99 -5.49 -6.24
N ASN A 171 -15.04 -4.56 -6.38
CA ASN A 171 -13.64 -4.84 -6.00
C ASN A 171 -13.57 -5.13 -4.50
N TYR A 172 -14.20 -4.26 -3.69
CA TYR A 172 -14.23 -4.43 -2.23
C TYR A 172 -14.91 -5.72 -1.81
N ALA A 173 -15.94 -6.11 -2.55
CA ALA A 173 -16.64 -7.36 -2.27
C ALA A 173 -15.69 -8.56 -2.59
N LEU A 174 -14.87 -8.40 -3.62
CA LEU A 174 -13.90 -9.45 -3.98
C LEU A 174 -12.81 -9.54 -2.92
N GLN A 175 -12.39 -8.39 -2.40
CA GLN A 175 -11.36 -8.33 -1.36
C GLN A 175 -11.80 -9.00 -0.07
N ASN A 176 -13.07 -8.82 0.32
CA ASN A 176 -13.58 -9.47 1.53
C ASN A 176 -13.63 -10.98 1.32
N VAL A 177 -13.92 -11.39 0.09
CA VAL A 177 -13.97 -12.81 -0.34
C VAL A 177 -12.54 -13.44 -0.26
N MET A 178 -11.53 -12.67 -0.64
CA MET A 178 -10.14 -13.13 -0.58
C MET A 178 -9.79 -13.52 0.87
N ILE A 179 -10.18 -12.66 1.81
CA ILE A 179 -9.90 -12.88 3.22
C ILE A 179 -10.67 -14.05 3.80
N SER A 180 -11.95 -14.15 3.47
CA SER A 180 -12.75 -15.25 4.02
C SER A 180 -12.33 -16.62 3.53
N ILE A 181 -11.97 -16.71 2.25
CA ILE A 181 -11.53 -17.98 1.67
C ILE A 181 -10.07 -18.30 2.00
N LEU A 182 -9.17 -17.36 1.75
CA LEU A 182 -7.75 -17.57 2.02
C LEU A 182 -7.44 -17.64 3.50
N ASN A 183 -8.18 -16.89 4.30
CA ASN A 183 -7.95 -16.85 5.73
C ASN A 183 -6.47 -16.50 6.05
N PRO A 184 -5.99 -15.33 5.58
CA PRO A 184 -4.61 -14.90 5.81
C PRO A 184 -4.28 -14.53 7.25
N VAL A 185 -2.99 -14.45 7.56
CA VAL A 185 -2.54 -14.06 8.91
C VAL A 185 -2.48 -12.53 8.97
N ALA A 186 -2.46 -11.88 7.81
CA ALA A 186 -2.39 -10.42 7.69
C ALA A 186 -2.74 -10.04 6.25
N SER A 187 -3.18 -8.81 6.03
CA SER A 187 -3.49 -8.37 4.69
C SER A 187 -3.28 -6.89 4.46
N SER A 188 -3.04 -6.54 3.19
CA SER A 188 -2.90 -5.14 2.75
C SER A 188 -3.88 -5.03 1.59
N LEU A 189 -4.90 -4.19 1.75
CA LEU A 189 -5.91 -4.01 0.72
C LEU A 189 -5.98 -2.57 0.22
N LYS A 190 -6.29 -2.44 -1.06
CA LYS A 190 -6.46 -1.17 -1.73
C LYS A 190 -7.78 -0.58 -1.15
N TRP A 191 -7.77 0.69 -0.75
CA TRP A 191 -8.99 1.28 -0.18
C TRP A 191 -9.22 2.77 -0.49
N ARG A 192 -10.23 3.05 -1.30
CA ARG A 192 -10.61 4.43 -1.62
C ARG A 192 -12.13 4.52 -1.45
N CYS A 193 -12.59 5.33 -0.50
CA CYS A 193 -14.03 5.46 -0.27
C CYS A 193 -14.75 6.11 -1.46
N PRO A 194 -15.89 5.54 -1.91
CA PRO A 194 -16.62 6.12 -3.04
C PRO A 194 -17.02 7.57 -2.72
N PHE A 195 -17.30 8.38 -3.73
CA PHE A 195 -17.71 9.77 -3.51
C PHE A 195 -19.14 9.83 -2.97
N PRO A 196 -19.37 10.63 -1.90
CA PRO A 196 -20.70 10.76 -1.28
C PRO A 196 -21.78 11.13 -2.28
N ASP A 197 -21.44 11.96 -3.25
CA ASP A 197 -22.40 12.37 -4.28
C ASP A 197 -22.76 11.25 -5.26
N GLN A 198 -22.02 10.15 -5.20
CA GLN A 198 -22.28 9.00 -6.06
C GLN A 198 -22.48 7.83 -5.14
N TRP A 199 -23.13 8.05 -4.00
CA TRP A 199 -23.35 6.95 -3.08
C TRP A 199 -24.37 6.00 -3.66
N ILE A 200 -24.18 4.70 -3.42
CA ILE A 200 -25.12 3.66 -3.89
C ILE A 200 -25.69 2.96 -2.67
N LYS A 201 -24.81 2.50 -1.78
CA LYS A 201 -25.24 1.82 -0.58
C LYS A 201 -24.06 1.63 0.36
N ASP A 202 -24.37 1.49 1.65
CA ASP A 202 -23.39 1.27 2.71
C ASP A 202 -22.79 -0.12 2.52
N PHE A 203 -21.55 -0.32 2.96
CA PHE A 203 -20.87 -1.62 2.86
C PHE A 203 -19.89 -1.74 4.00
N TYR A 204 -19.32 -2.94 4.18
CA TYR A 204 -18.35 -3.15 5.24
C TYR A 204 -16.97 -3.43 4.65
N ILE A 205 -15.94 -3.02 5.37
CA ILE A 205 -14.55 -3.25 4.96
C ILE A 205 -13.88 -3.85 6.19
N PRO A 206 -12.75 -4.56 6.01
CA PRO A 206 -12.13 -5.12 7.20
C PRO A 206 -11.57 -4.03 8.10
N HIS A 207 -11.57 -4.30 9.40
CA HIS A 207 -11.02 -3.37 10.36
C HIS A 207 -9.48 -3.42 10.20
N GLY A 208 -8.82 -2.27 10.30
CA GLY A 208 -7.38 -2.22 10.17
C GLY A 208 -6.88 -0.80 10.13
N ASN A 209 -5.56 -0.62 10.14
CA ASN A 209 -4.99 0.74 10.09
C ASN A 209 -5.13 1.22 8.66
N LYS A 210 -5.49 2.49 8.50
CA LYS A 210 -5.66 3.08 7.18
C LYS A 210 -4.40 3.85 6.85
N MET A 211 -3.39 3.11 6.38
CA MET A 211 -2.08 3.66 6.03
C MET A 211 -2.14 4.66 4.88
N LEU A 212 -1.60 5.85 5.13
CA LEU A 212 -1.54 6.91 4.15
C LEU A 212 -0.35 6.62 3.21
N GLN A 213 -0.45 7.08 1.96
CA GLN A 213 0.57 6.81 0.97
C GLN A 213 1.32 7.96 0.33
N PRO A 214 2.61 8.13 0.69
CA PRO A 214 3.33 9.24 0.04
C PRO A 214 3.47 8.89 -1.45
N PHE A 215 3.58 9.90 -2.29
CA PHE A 215 3.70 9.71 -3.72
C PHE A 215 2.46 9.12 -4.39
N ALA A 216 1.31 9.26 -3.72
CA ALA A 216 0.00 8.86 -4.30
C ALA A 216 -0.30 9.98 -5.31
N PRO A 217 -1.27 9.79 -6.24
CA PRO A 217 -1.52 10.91 -7.17
C PRO A 217 -1.89 12.17 -6.35
N SER A 218 -1.54 13.34 -6.85
CA SER A 218 -1.78 14.62 -6.18
C SER A 218 -3.10 14.75 -5.39
N TYR A 219 -4.21 14.33 -5.97
CA TYR A 219 -5.51 14.41 -5.28
C TYR A 219 -6.19 13.07 -5.00
N SER A 220 -5.40 12.01 -4.93
CA SER A 220 -5.94 10.69 -4.64
C SER A 220 -6.41 10.58 -3.19
N ALA A 221 -7.53 9.88 -2.98
CA ALA A 221 -8.08 9.67 -1.67
C ALA A 221 -7.87 8.20 -1.28
N GLU A 222 -6.96 7.54 -2.00
CA GLU A 222 -6.64 6.12 -1.74
C GLU A 222 -5.63 5.91 -0.61
N MET A 223 -5.87 4.88 0.18
CA MET A 223 -4.98 4.52 1.25
C MET A 223 -4.88 3.01 1.20
N ARG A 224 -4.18 2.44 2.17
CA ARG A 224 -3.97 1.02 2.20
C ARG A 224 -4.42 0.50 3.57
N LEU A 225 -5.35 -0.44 3.55
CA LEU A 225 -5.91 -1.04 4.77
C LEU A 225 -5.02 -2.22 5.24
N LEU A 226 -4.36 -2.05 6.39
CA LEU A 226 -3.43 -3.03 6.97
C LEU A 226 -4.04 -3.75 8.16
N SER A 227 -4.24 -5.05 8.01
CA SER A 227 -4.86 -5.89 9.05
C SER A 227 -4.02 -7.11 9.41
N ILE A 228 -4.07 -7.50 10.69
CA ILE A 228 -3.35 -8.68 11.19
C ILE A 228 -4.45 -9.50 11.86
N TYR A 229 -4.61 -10.75 11.44
CA TYR A 229 -5.66 -11.58 11.95
C TYR A 229 -5.29 -12.50 13.08
N THR A 230 -6.13 -12.50 14.11
CA THR A 230 -5.90 -13.34 15.27
C THR A 230 -7.14 -14.20 15.53
N GLY A 231 -6.93 -15.51 15.61
CA GLY A 231 -8.03 -16.42 15.85
C GLY A 231 -8.91 -16.58 14.62
N GLU A 232 -10.13 -17.07 14.84
CA GLU A 232 -11.09 -17.27 13.76
C GLU A 232 -11.87 -15.98 13.51
N ASN A 233 -11.61 -14.96 14.31
CA ASN A 233 -12.33 -13.70 14.18
C ASN A 233 -12.06 -12.85 12.97
N MET A 234 -13.13 -12.19 12.50
CA MET A 234 -13.08 -11.31 11.37
C MET A 234 -13.95 -10.12 11.75
N ARG A 235 -13.32 -8.99 12.03
CA ARG A 235 -14.02 -7.77 12.40
C ARG A 235 -14.13 -6.80 11.22
N LEU A 236 -15.35 -6.41 10.91
CA LEU A 236 -15.65 -5.52 9.81
C LEU A 236 -16.17 -4.21 10.34
N THR A 237 -16.17 -3.19 9.49
CA THR A 237 -16.67 -1.90 9.89
C THR A 237 -17.53 -1.33 8.76
N ARG A 238 -18.66 -0.76 9.16
CA ARG A 238 -19.64 -0.17 8.26
C ARG A 238 -19.21 1.19 7.70
N VAL A 239 -19.49 1.42 6.42
CA VAL A 239 -19.16 2.70 5.79
C VAL A 239 -20.44 3.25 5.14
N THR A 240 -20.80 4.46 5.58
CA THR A 240 -22.00 5.13 5.13
C THR A 240 -21.64 6.40 4.37
N LYS A 241 -22.64 7.07 3.83
CA LYS A 241 -22.40 8.30 3.09
C LYS A 241 -21.80 9.40 3.94
N SER A 242 -22.20 9.49 5.21
CA SER A 242 -21.64 10.54 6.06
C SER A 242 -20.14 10.28 6.24
N ASP A 243 -19.79 9.00 6.29
CA ASP A 243 -18.41 8.55 6.40
C ASP A 243 -17.69 9.00 5.13
N ALA A 244 -18.36 8.81 3.99
CA ALA A 244 -17.80 9.20 2.71
C ALA A 244 -17.49 10.70 2.62
N VAL A 245 -18.34 11.55 3.22
CA VAL A 245 -18.13 13.01 3.21
C VAL A 245 -16.88 13.36 4.03
N ASN A 246 -16.74 12.65 5.14
CA ASN A 246 -15.61 12.83 6.02
C ASN A 246 -14.30 12.43 5.31
N TYR A 247 -14.30 11.29 4.63
CA TYR A 247 -13.11 10.84 3.91
C TYR A 247 -12.71 11.89 2.92
N GLU A 248 -13.68 12.31 2.11
CA GLU A 248 -13.47 13.31 1.07
C GLU A 248 -12.87 14.62 1.55
N LYS A 249 -13.34 15.10 2.69
CA LYS A 249 -12.86 16.37 3.24
C LYS A 249 -11.51 16.26 3.92
N LYS A 250 -11.30 15.19 4.66
CA LYS A 250 -10.02 14.97 5.35
C LYS A 250 -8.90 14.78 4.29
N MET A 251 -9.14 13.90 3.32
CA MET A 251 -8.16 13.63 2.26
C MET A 251 -7.90 14.85 1.37
N TYR A 252 -8.93 15.66 1.14
CA TYR A 252 -8.75 16.86 0.34
C TYR A 252 -7.89 17.89 1.11
N TYR A 253 -8.07 17.92 2.43
CA TYR A 253 -7.29 18.82 3.25
C TYR A 253 -5.80 18.35 3.21
N LEU A 254 -5.57 17.05 3.37
CA LEU A 254 -4.22 16.48 3.32
C LEU A 254 -3.53 16.75 1.96
N ASN A 255 -4.25 16.54 0.86
CA ASN A 255 -3.72 16.73 -0.49
C ASN A 255 -3.48 18.17 -0.86
N LYS A 256 -4.47 19.00 -0.62
CA LYS A 256 -4.39 20.41 -0.96
C LYS A 256 -3.42 21.23 -0.11
N ILE A 257 -3.53 21.07 1.20
CA ILE A 257 -2.73 21.83 2.15
C ILE A 257 -1.42 21.18 2.59
N VAL A 258 -1.53 20.06 3.31
CA VAL A 258 -0.38 19.33 3.87
C VAL A 258 0.71 18.87 2.88
N ARG A 259 0.33 18.12 1.85
CA ARG A 259 1.31 17.62 0.91
C ARG A 259 2.00 18.70 0.12
N ASN A 260 1.48 19.91 0.17
CA ASN A 260 2.11 21.01 -0.53
C ASN A 260 3.17 21.78 0.31
N LYS A 261 3.45 21.29 1.52
CA LYS A 261 4.42 21.90 2.43
C LYS A 261 5.89 21.47 2.25
N VAL A 262 6.81 22.40 2.55
CA VAL A 262 8.26 22.15 2.54
C VAL A 262 8.62 22.20 4.03
N VAL A 263 8.92 21.04 4.61
CA VAL A 263 9.25 20.90 6.04
C VAL A 263 10.71 21.33 6.25
N VAL A 264 10.92 22.61 6.57
CA VAL A 264 12.28 23.14 6.73
C VAL A 264 13.12 22.61 7.88
N ASN A 265 12.49 22.09 8.92
CA ASN A 265 13.25 21.53 10.02
C ASN A 265 13.58 20.04 9.74
N PHE A 266 13.34 19.61 8.49
CA PHE A 266 13.63 18.23 8.06
C PHE A 266 15.04 18.29 7.45
N ASP A 267 15.97 17.65 8.14
CA ASP A 267 17.37 17.60 7.72
C ASP A 267 17.48 16.48 6.73
N TYR A 268 17.32 16.83 5.46
CA TYR A 268 17.35 15.83 4.43
C TYR A 268 17.46 16.59 3.12
N PRO A 269 18.17 16.00 2.14
CA PRO A 269 18.35 16.64 0.82
C PRO A 269 17.05 17.05 0.14
N ASN A 270 15.94 16.44 0.53
CA ASN A 270 14.66 16.80 -0.03
C ASN A 270 13.67 17.01 1.09
N GLN A 271 13.22 18.25 1.17
CA GLN A 271 12.31 18.67 2.22
C GLN A 271 10.81 18.68 1.90
N GLU A 272 10.45 18.27 0.68
CA GLU A 272 9.04 18.19 0.28
C GLU A 272 8.38 17.24 1.26
N TYR A 273 7.14 17.56 1.64
CA TYR A 273 6.40 16.73 2.58
C TYR A 273 6.41 15.23 2.28
N ASP A 274 6.24 14.85 1.01
CA ASP A 274 6.23 13.44 0.60
C ASP A 274 7.54 12.67 0.97
N TYR A 275 8.67 13.37 0.88
CA TYR A 275 9.98 12.79 1.25
C TYR A 275 10.10 12.67 2.79
N PHE A 276 9.48 13.62 3.50
CA PHE A 276 9.44 13.64 4.96
C PHE A 276 8.59 12.45 5.42
N HIS A 277 7.46 12.25 4.74
CA HIS A 277 6.53 11.16 5.01
C HIS A 277 7.23 9.83 4.66
N MET A 278 7.91 9.78 3.51
CA MET A 278 8.66 8.58 3.09
C MET A 278 9.75 8.18 4.10
N TYR A 279 10.42 9.18 4.67
CA TYR A 279 11.46 8.96 5.66
C TYR A 279 10.93 8.15 6.84
N PHE A 280 9.78 8.54 7.37
CA PHE A 280 9.22 7.80 8.51
C PHE A 280 8.82 6.36 8.19
N MET A 281 8.57 6.04 6.94
CA MET A 281 8.24 4.67 6.57
C MET A 281 9.54 3.87 6.43
N LEU A 282 10.52 4.47 5.74
CA LEU A 282 11.81 3.82 5.52
C LEU A 282 12.66 3.61 6.77
N ARG A 283 12.50 4.46 7.77
CA ARG A 283 13.25 4.30 9.01
C ARG A 283 12.85 3.00 9.75
N THR A 284 11.72 2.40 9.38
CA THR A 284 11.29 1.14 10.01
C THR A 284 11.82 -0.12 9.29
N VAL A 285 12.53 0.08 8.18
CA VAL A 285 13.06 -1.01 7.35
C VAL A 285 14.42 -1.55 7.86
N TYR A 286 14.58 -2.87 7.84
CA TYR A 286 15.82 -3.53 8.28
C TYR A 286 16.84 -3.70 7.14
N CYS A 287 18.11 -3.45 7.45
CA CYS A 287 19.20 -3.59 6.48
C CYS A 287 20.32 -4.44 7.10
N ASN A 288 21.15 -5.08 6.26
CA ASN A 288 22.27 -5.89 6.76
C ASN A 288 23.39 -4.94 7.16
N LYS A 289 23.57 -3.90 6.33
CA LYS A 289 24.57 -2.88 6.54
C LYS A 289 24.18 -2.08 7.78
N THR A 290 25.18 -1.74 8.59
CA THR A 290 24.98 -0.95 9.82
C THR A 290 25.27 0.51 9.56
N PHE A 291 24.37 1.37 10.04
CA PHE A 291 24.49 2.81 9.84
C PHE A 291 24.66 3.58 11.17
N PRO A 292 25.48 4.65 11.14
CA PRO A 292 25.70 5.45 12.36
C PRO A 292 24.45 6.25 12.75
N THR A 293 23.66 6.62 11.75
CA THR A 293 22.44 7.41 11.94
C THR A 293 21.27 6.90 11.11
N THR A 294 20.06 7.10 11.64
CA THR A 294 18.85 6.74 10.94
C THR A 294 18.85 7.46 9.59
N LYS A 295 19.39 8.68 9.56
CA LYS A 295 19.45 9.46 8.32
C LYS A 295 20.27 8.76 7.23
N ALA A 296 21.38 8.12 7.62
CA ALA A 296 22.25 7.39 6.68
C ALA A 296 21.54 6.17 6.07
N LYS A 297 20.84 5.41 6.91
CA LYS A 297 20.09 4.25 6.46
C LYS A 297 19.02 4.63 5.43
N VAL A 298 18.21 5.64 5.75
CA VAL A 298 17.14 6.11 4.87
C VAL A 298 17.66 6.68 3.55
N LEU A 299 18.68 7.52 3.60
CA LEU A 299 19.24 8.07 2.37
C LEU A 299 19.69 6.92 1.45
N PHE A 300 20.27 5.89 2.09
CA PHE A 300 20.76 4.72 1.40
C PHE A 300 19.62 3.90 0.77
N LEU A 301 18.59 3.62 1.55
CA LEU A 301 17.44 2.86 1.06
C LEU A 301 16.74 3.63 -0.07
N GLN A 302 16.58 4.94 0.11
CA GLN A 302 15.94 5.81 -0.87
C GLN A 302 16.74 5.83 -2.17
N GLN A 303 18.07 5.96 -2.05
CA GLN A 303 18.97 5.93 -3.23
C GLN A 303 18.77 4.59 -3.96
N SER A 304 18.83 3.52 -3.20
CA SER A 304 18.67 2.18 -3.71
C SER A 304 17.34 2.00 -4.46
N ILE A 305 16.26 2.47 -3.84
CA ILE A 305 14.91 2.36 -4.41
C ILE A 305 14.78 3.16 -5.71
N PHE A 306 15.24 4.40 -5.71
CA PHE A 306 15.17 5.24 -6.91
C PHE A 306 16.03 4.66 -8.05
N ARG A 307 17.24 4.17 -7.75
CA ARG A 307 18.11 3.56 -8.78
C ARG A 307 17.41 2.34 -9.39
N PHE A 308 16.84 1.47 -8.55
CA PHE A 308 16.14 0.30 -9.05
C PHE A 308 15.01 0.69 -10.01
N LEU A 309 14.22 1.69 -9.64
CA LEU A 309 13.08 2.11 -10.45
C LEU A 309 13.41 3.06 -11.59
N ASN A 310 14.67 3.47 -11.69
CA ASN A 310 15.13 4.37 -12.77
C ASN A 310 14.55 5.78 -12.57
N ILE A 311 14.51 6.21 -11.31
CA ILE A 311 14.00 7.53 -10.95
C ILE A 311 15.23 8.35 -10.60
N PRO A 312 15.45 9.46 -11.31
CA PRO A 312 16.61 10.32 -11.06
C PRO A 312 16.74 10.79 -9.60
#